data_8OIK
#
_entry.id   8OIK
#
_cell.length_a   81.829
_cell.length_b   142.786
_cell.length_c   137.096
_cell.angle_alpha   90.000
_cell.angle_beta   90.000
_cell.angle_gamma   90.000
#
_symmetry.space_group_name_H-M   'C 2 2 21'
#
loop_
_entity.id
_entity.type
_entity.pdbx_description
1 polymer 'Protein Smaug homolog 1'
2 non-polymer 1,2-ETHANEDIOL
3 non-polymer DI(HYDROXYETHYL)ETHER
4 water water
#
_entity_poly.entity_id   1
_entity_poly.type   'polypeptide(L)'
_entity_poly.pdbx_seq_one_letter_code
;MKHHHHHHPMSDYDIPTTENLYFQSMFRDQVGVLAGWFKGWNECEQTVALLSLLKRVSQTQARFLQLCLEHSLADCAELH
VLEREANSPGIINQWQQESKDKVISLLLTHLPLLKPGNLDAKVEYMKLLPKILAHSIEHNQHIEESRQLLSYALIHPATS
LEDRSALAMWLNHLEDRTST
;
_entity_poly.pdbx_strand_id   A,B,C
#
# COMPACT_ATOMS: atom_id res chain seq x y z
N ILE A 15 -7.86 1.67 28.57
CA ILE A 15 -8.22 0.88 29.78
C ILE A 15 -9.75 0.66 29.81
N PRO A 16 -10.63 1.68 29.90
CA PRO A 16 -12.06 1.42 30.04
C PRO A 16 -12.69 1.20 28.67
N THR A 17 -13.21 -0.01 28.43
CA THR A 17 -13.71 -0.33 27.08
C THR A 17 -15.19 -0.68 27.16
N THR A 18 -15.74 -0.78 28.37
CA THR A 18 -17.16 -1.17 28.55
C THR A 18 -17.75 -0.62 29.84
N GLU A 19 -19.03 -0.27 29.84
CA GLU A 19 -19.70 0.10 31.08
C GLU A 19 -19.90 -1.11 32.00
N ASN A 20 -20.00 -2.27 31.40
CA ASN A 20 -20.31 -3.52 32.10
C ASN A 20 -19.08 -3.99 32.87
N LEU A 21 -19.14 -3.96 34.20
CA LEU A 21 -17.98 -4.32 35.03
C LEU A 21 -17.57 -5.77 34.82
N TYR A 22 -18.56 -6.66 34.66
CA TYR A 22 -18.26 -8.05 34.34
C TYR A 22 -17.50 -8.14 33.02
N PHE A 23 -17.98 -7.45 31.99
CA PHE A 23 -17.28 -7.47 30.70
C PHE A 23 -15.87 -6.90 30.82
N GLN A 24 -15.71 -5.81 31.58
CA GLN A 24 -14.37 -5.21 31.66
C GLN A 24 -13.39 -6.20 32.27
N SER A 25 -13.80 -6.90 33.32
CA SER A 25 -12.93 -7.87 33.97
C SER A 25 -12.64 -9.06 33.05
N MET A 26 -13.65 -9.55 32.31
CA MET A 26 -13.37 -10.67 31.43
C MET A 26 -12.47 -10.26 30.28
N PHE A 27 -12.61 -9.03 29.78
CA PHE A 27 -11.70 -8.57 28.73
C PHE A 27 -10.25 -8.59 29.22
N ARG A 28 -10.02 -8.05 30.41
CA ARG A 28 -8.69 -8.07 31.00
C ARG A 28 -8.14 -9.49 31.15
N ASP A 29 -8.97 -10.43 31.63
CA ASP A 29 -8.56 -11.83 31.68
C ASP A 29 -8.16 -12.37 30.31
N GLN A 30 -8.97 -12.09 29.29
CA GLN A 30 -8.68 -12.59 27.94
C GLN A 30 -7.38 -12.01 27.42
N VAL A 31 -7.16 -10.71 27.60
CA VAL A 31 -5.92 -10.10 27.13
C VAL A 31 -4.72 -10.71 27.83
N GLY A 32 -4.85 -11.03 29.12
CA GLY A 32 -3.79 -11.75 29.83
C GLY A 32 -3.46 -13.12 29.21
N VAL A 33 -4.50 -13.92 28.95
CA VAL A 33 -4.28 -15.24 28.34
C VAL A 33 -3.60 -15.09 26.98
N LEU A 34 -4.12 -14.16 26.17
CA LEU A 34 -3.50 -13.82 24.90
C LEU A 34 -2.02 -13.50 25.04
N ALA A 35 -1.66 -12.67 26.03
CA ALA A 35 -0.24 -12.33 26.21
C ALA A 35 0.59 -13.58 26.49
N GLY A 36 0.08 -14.49 27.34
CA GLY A 36 0.80 -15.72 27.62
C GLY A 36 0.98 -16.58 26.38
N TRP A 37 -0.07 -16.72 25.58
CA TRP A 37 0.05 -17.48 24.33
C TRP A 37 1.07 -16.83 23.41
N PHE A 38 0.97 -15.51 23.25
CA PHE A 38 1.86 -14.80 22.32
C PHE A 38 3.31 -15.00 22.68
N LYS A 39 3.62 -14.93 23.97
CA LYS A 39 5.01 -15.07 24.44
C LYS A 39 5.57 -16.45 24.09
N GLY A 40 4.71 -17.46 24.01
CA GLY A 40 5.17 -18.79 23.68
C GLY A 40 5.16 -19.14 22.20
N TRP A 41 4.57 -18.30 21.37
CA TRP A 41 4.53 -18.54 19.95
C TRP A 41 5.87 -18.18 19.31
N ASN A 42 6.22 -18.87 18.23
CA ASN A 42 7.38 -18.45 17.46
C ASN A 42 6.99 -17.25 16.59
N GLU A 43 8.00 -16.62 15.96
CA GLU A 43 7.71 -15.37 15.25
C GLU A 43 6.75 -15.58 14.10
N CYS A 44 6.80 -16.74 13.45
CA CYS A 44 5.87 -17.01 12.36
C CYS A 44 4.44 -17.12 12.87
N GLU A 45 4.23 -17.91 13.92
CA GLU A 45 2.91 -18.01 14.57
C GLU A 45 2.40 -16.64 14.98
N GLN A 46 3.24 -15.84 15.64
CA GLN A 46 2.82 -14.50 16.05
C GLN A 46 2.33 -13.67 14.86
N THR A 47 3.09 -13.67 13.76
CA THR A 47 2.72 -12.85 12.60
C THR A 47 1.40 -13.34 11.99
N VAL A 48 1.25 -14.65 11.85
CA VAL A 48 0.03 -15.23 11.27
C VAL A 48 -1.17 -14.98 12.17
N ALA A 49 -1.01 -15.14 13.49
CA ALA A 49 -2.10 -14.84 14.41
C ALA A 49 -2.52 -13.38 14.33
N LEU A 50 -1.55 -12.47 14.27
CA LEU A 50 -1.88 -11.05 14.15
C LEU A 50 -2.56 -10.76 12.83
N LEU A 51 -2.08 -11.36 11.75
CA LEU A 51 -2.72 -11.14 10.45
C LEU A 51 -4.15 -11.65 10.46
N SER A 52 -4.42 -12.75 11.18
CA SER A 52 -5.76 -13.31 11.25
C SER A 52 -6.74 -12.38 11.95
N LEU A 53 -6.25 -11.50 12.82
CA LEU A 53 -7.11 -10.48 13.39
C LEU A 53 -7.18 -9.22 12.51
N LEU A 54 -6.04 -8.78 11.97
CA LEU A 54 -6.06 -7.54 11.19
C LEU A 54 -6.98 -7.64 9.98
N LYS A 55 -7.17 -8.84 9.44
CA LYS A 55 -8.09 -9.00 8.29
C LYS A 55 -9.54 -8.76 8.71
N ARG A 56 -9.81 -8.77 10.01
CA ARG A 56 -11.16 -8.64 10.50
C ARG A 56 -11.54 -7.23 10.92
N VAL A 57 -10.60 -6.28 10.93
CA VAL A 57 -10.90 -4.96 11.48
C VAL A 57 -11.45 -4.05 10.38
N SER A 58 -12.02 -2.92 10.79
CA SER A 58 -12.51 -1.94 9.84
C SER A 58 -11.34 -1.19 9.20
N GLN A 59 -11.63 -0.50 8.09
CA GLN A 59 -10.59 0.33 7.46
C GLN A 59 -10.05 1.37 8.44
N THR A 60 -10.92 1.93 9.26
CA THR A 60 -10.48 2.96 10.21
C THR A 60 -9.59 2.36 11.31
N GLN A 61 -9.98 1.20 11.86
CA GLN A 61 -9.10 0.54 12.81
C GLN A 61 -7.76 0.20 12.17
N ALA A 62 -7.80 -0.34 10.94
CA ALA A 62 -6.58 -0.72 10.24
C ALA A 62 -5.66 0.49 10.08
N ARG A 63 -6.22 1.63 9.66
CA ARG A 63 -5.39 2.82 9.47
C ARG A 63 -4.80 3.31 10.79
N PHE A 64 -5.61 3.32 11.85
CA PHE A 64 -5.08 3.70 13.16
C PHE A 64 -3.88 2.83 13.55
N LEU A 65 -4.03 1.50 13.45
CA LEU A 65 -2.93 0.61 13.81
C LEU A 65 -1.71 0.84 12.91
N GLN A 66 -1.96 1.09 11.62
CA GLN A 66 -0.86 1.41 10.70
C GLN A 66 -0.11 2.66 11.14
N LEU A 67 -0.84 3.72 11.49
CA LEU A 67 -0.21 4.95 11.99
C LEU A 67 0.59 4.73 13.27
N CYS A 68 0.07 3.91 14.19
CA CYS A 68 0.81 3.55 15.39
C CYS A 68 2.12 2.84 15.06
N LEU A 69 2.08 1.84 14.18
CA LEU A 69 3.31 1.15 13.75
C LEU A 69 4.28 2.13 13.10
N GLU A 70 3.77 2.95 12.18
CA GLU A 70 4.66 3.88 11.48
C GLU A 70 5.31 4.83 12.46
N HIS A 71 4.55 5.32 13.44
CA HIS A 71 5.12 6.18 14.47
C HIS A 71 6.21 5.48 15.28
N SER A 72 5.96 4.23 15.70
CA SER A 72 6.93 3.53 16.52
C SER A 72 8.22 3.24 15.76
N LEU A 73 8.15 3.05 14.45
CA LEU A 73 9.33 2.63 13.67
C LEU A 73 10.09 3.79 13.02
N ALA A 74 9.64 5.04 13.21
CA ALA A 74 10.06 6.13 12.32
C ALA A 74 11.57 6.39 12.37
N ASP A 75 12.18 6.24 13.53
CA ASP A 75 13.59 6.55 13.73
C ASP A 75 14.37 5.33 14.18
N CYS A 76 13.99 4.15 13.65
CA CYS A 76 14.68 2.90 13.98
C CYS A 76 15.80 2.73 12.95
N ALA A 77 17.01 3.18 13.32
CA ALA A 77 18.10 3.26 12.34
C ALA A 77 18.55 1.89 11.85
N GLU A 78 18.71 0.92 12.76
CA GLU A 78 19.15 -0.41 12.39
C GLU A 78 18.11 -1.11 11.50
N LEU A 79 16.83 -0.93 11.83
CA LEU A 79 15.79 -1.46 10.95
C LEU A 79 15.91 -0.88 9.55
N HIS A 80 16.20 0.43 9.43
CA HIS A 80 16.26 1.05 8.12
C HIS A 80 17.41 0.49 7.29
N VAL A 81 18.54 0.18 7.94
CA VAL A 81 19.64 -0.46 7.21
C VAL A 81 19.17 -1.79 6.61
N LEU A 82 18.49 -2.61 7.42
CA LEU A 82 17.98 -3.89 6.92
C LEU A 82 16.97 -3.70 5.78
N GLU A 83 16.09 -2.70 5.91
CA GLU A 83 15.09 -2.43 4.86
C GLU A 83 15.74 -2.08 3.53
N ARG A 84 16.80 -1.28 3.55
CA ARG A 84 17.49 -0.93 2.31
C ARG A 84 18.12 -2.17 1.66
N GLU A 85 18.78 -3.02 2.47
CA GLU A 85 19.30 -4.29 1.96
C GLU A 85 18.18 -5.16 1.39
N ALA A 86 17.06 -5.24 2.10
CA ALA A 86 15.96 -6.13 1.71
C ALA A 86 15.29 -5.71 0.41
N ASN A 87 15.50 -4.47 -0.05
CA ASN A 87 14.82 -3.94 -1.22
C ASN A 87 15.79 -3.62 -2.36
N SER A 88 17.03 -4.08 -2.25
CA SER A 88 18.07 -3.87 -3.26
C SER A 88 18.27 -5.15 -4.07
N PRO A 89 17.79 -5.21 -5.32
CA PRO A 89 17.89 -6.49 -6.06
C PRO A 89 19.33 -6.96 -6.26
N GLY A 90 20.28 -6.04 -6.46
CA GLY A 90 21.67 -6.47 -6.60
C GLY A 90 22.23 -7.11 -5.35
N ILE A 91 21.89 -6.54 -4.18
CA ILE A 91 22.31 -7.08 -2.89
C ILE A 91 21.72 -8.47 -2.68
N ILE A 92 20.40 -8.60 -2.89
CA ILE A 92 19.73 -9.89 -2.71
C ILE A 92 20.34 -10.94 -3.63
N ASN A 93 20.62 -10.56 -4.88
CA ASN A 93 21.16 -11.50 -5.87
C ASN A 93 22.49 -12.08 -5.39
N GLN A 94 23.35 -11.24 -4.81
CA GLN A 94 24.65 -11.68 -4.30
C GLN A 94 24.54 -12.70 -3.18
N TRP A 95 23.41 -12.75 -2.47
CA TRP A 95 23.31 -13.69 -1.35
C TRP A 95 23.48 -15.14 -1.79
N GLN A 96 23.28 -15.46 -3.06
CA GLN A 96 23.43 -16.86 -3.45
C GLN A 96 24.87 -17.33 -3.31
N GLN A 97 25.81 -16.41 -3.21
CA GLN A 97 27.22 -16.72 -2.98
C GLN A 97 27.52 -17.07 -1.54
N GLU A 98 26.59 -16.85 -0.61
CA GLU A 98 26.85 -17.09 0.80
C GLU A 98 26.57 -18.54 1.18
N SER A 99 27.00 -18.92 2.38
CA SER A 99 26.75 -20.26 2.88
C SER A 99 25.25 -20.47 3.03
N LYS A 100 24.81 -21.72 2.99
CA LYS A 100 23.36 -22.02 3.13
C LYS A 100 22.83 -21.48 4.47
N ASP A 101 23.61 -21.61 5.54
CA ASP A 101 23.18 -21.12 6.87
C ASP A 101 22.95 -19.61 6.79
N LYS A 102 23.89 -18.89 6.18
CA LYS A 102 23.79 -17.42 6.05
C LYS A 102 22.61 -17.05 5.13
N VAL A 103 22.42 -17.78 4.03
CA VAL A 103 21.29 -17.42 3.17
C VAL A 103 19.97 -17.56 3.91
N ILE A 104 19.81 -18.64 4.67
CA ILE A 104 18.60 -18.82 5.48
C ILE A 104 18.42 -17.66 6.44
N SER A 105 19.51 -17.27 7.11
CA SER A 105 19.44 -16.15 8.06
C SER A 105 19.11 -14.84 7.35
N LEU A 106 19.75 -14.58 6.22
CA LEU A 106 19.47 -13.35 5.47
C LEU A 106 18.02 -13.32 4.99
N LEU A 107 17.50 -14.43 4.49
CA LEU A 107 16.13 -14.45 4.00
C LEU A 107 15.13 -14.23 5.14
N LEU A 108 15.35 -14.89 6.28
CA LEU A 108 14.46 -14.72 7.42
C LEU A 108 14.41 -13.29 7.89
N THR A 109 15.56 -12.61 7.92
CA THR A 109 15.65 -11.25 8.42
C THR A 109 15.26 -10.19 7.40
N HIS A 110 15.22 -10.51 6.10
CA HIS A 110 14.96 -9.49 5.09
C HIS A 110 13.66 -9.67 4.35
N LEU A 111 13.20 -10.90 4.10
CA LEU A 111 11.97 -11.08 3.34
C LEU A 111 10.77 -10.31 3.91
N PRO A 112 10.54 -10.28 5.23
CA PRO A 112 9.39 -9.49 5.75
C PRO A 112 9.50 -8.00 5.50
N LEU A 113 10.67 -7.48 5.08
CA LEU A 113 10.87 -6.06 4.83
C LEU A 113 10.76 -5.68 3.37
N LEU A 114 10.56 -6.68 2.51
CA LEU A 114 10.35 -6.43 1.07
C LEU A 114 9.11 -5.57 0.88
N LYS A 115 9.26 -4.48 0.13
CA LYS A 115 8.12 -3.56 -0.09
C LYS A 115 7.21 -4.16 -1.16
N PRO A 116 5.89 -4.19 -0.91
CA PRO A 116 4.95 -4.83 -1.83
C PRO A 116 5.02 -4.49 -3.33
N GLY A 117 5.52 -3.34 -3.76
CA GLY A 117 5.58 -3.13 -5.21
C GLY A 117 6.98 -3.20 -5.82
N ASN A 118 7.97 -3.60 -5.03
CA ASN A 118 9.37 -3.73 -5.52
C ASN A 118 9.47 -5.04 -6.30
N LEU A 119 9.09 -5.00 -7.56
CA LEU A 119 9.03 -6.23 -8.36
C LEU A 119 10.40 -6.84 -8.59
N ASP A 120 11.40 -6.00 -8.93
CA ASP A 120 12.73 -6.53 -9.21
C ASP A 120 13.34 -7.17 -7.96
N ALA A 121 13.14 -6.57 -6.78
CA ALA A 121 13.62 -7.25 -5.57
C ALA A 121 12.88 -8.56 -5.36
N LYS A 122 11.56 -8.57 -5.57
CA LYS A 122 10.76 -9.77 -5.35
C LYS A 122 11.23 -10.91 -6.25
N VAL A 123 11.54 -10.59 -7.50
CA VAL A 123 12.05 -11.60 -8.43
C VAL A 123 13.29 -12.26 -7.85
N GLU A 124 14.18 -11.49 -7.23
CA GLU A 124 15.39 -12.09 -6.66
C GLU A 124 15.08 -13.00 -5.46
N TYR A 125 14.11 -12.63 -4.61
CA TYR A 125 13.68 -13.56 -3.55
C TYR A 125 13.12 -14.85 -4.13
N MET A 126 12.27 -14.73 -5.16
CA MET A 126 11.66 -15.91 -5.77
C MET A 126 12.67 -16.81 -6.48
N LYS A 127 13.85 -16.30 -6.84
CA LYS A 127 14.95 -17.13 -7.33
C LYS A 127 15.72 -17.82 -6.21
N LEU A 128 15.91 -17.11 -5.08
CA LEU A 128 16.69 -17.68 -3.98
C LEU A 128 15.90 -18.72 -3.20
N LEU A 129 14.60 -18.49 -2.99
CA LEU A 129 13.82 -19.43 -2.19
C LEU A 129 13.87 -20.87 -2.71
N PRO A 130 13.67 -21.15 -4.01
CA PRO A 130 13.74 -22.56 -4.46
C PRO A 130 15.11 -23.18 -4.25
N LYS A 131 16.16 -22.37 -4.35
CA LYS A 131 17.50 -22.90 -4.19
C LYS A 131 17.74 -23.33 -2.74
N ILE A 132 17.29 -22.52 -1.78
CA ILE A 132 17.51 -22.91 -0.38
C ILE A 132 16.54 -24.02 0.03
N LEU A 133 15.31 -24.04 -0.52
CA LEU A 133 14.39 -25.15 -0.20
C LEU A 133 14.86 -26.47 -0.77
N ALA A 134 15.41 -26.48 -1.98
CA ALA A 134 15.93 -27.73 -2.54
C ALA A 134 17.06 -28.29 -1.68
N HIS A 135 17.95 -27.40 -1.22
CA HIS A 135 19.04 -27.84 -0.36
C HIS A 135 18.52 -28.35 0.98
N SER A 136 17.57 -27.62 1.57
CA SER A 136 17.02 -28.02 2.86
C SER A 136 16.32 -29.38 2.77
N ILE A 137 15.59 -29.61 1.67
CA ILE A 137 14.89 -30.88 1.49
C ILE A 137 15.89 -32.01 1.24
N GLU A 138 16.89 -31.76 0.39
CA GLU A 138 17.85 -32.82 0.07
C GLU A 138 18.64 -33.23 1.31
N HIS A 139 19.09 -32.27 2.10
CA HIS A 139 19.98 -32.55 3.23
C HIS A 139 19.25 -32.64 4.57
N ASN A 140 17.92 -32.57 4.57
CA ASN A 140 17.14 -32.61 5.81
C ASN A 140 17.68 -31.62 6.85
N GLN A 141 17.93 -30.39 6.41
CA GLN A 141 18.39 -29.31 7.27
C GLN A 141 17.44 -28.12 7.10
N HIS A 142 17.42 -27.26 8.12
CA HIS A 142 16.71 -25.98 8.04
C HIS A 142 15.25 -26.16 7.68
N ILE A 143 14.64 -27.25 8.14
CA ILE A 143 13.26 -27.55 7.76
C ILE A 143 12.30 -26.54 8.37
N GLU A 144 12.45 -26.26 9.67
CA GLU A 144 11.59 -25.28 10.31
C GLU A 144 11.74 -23.91 9.66
N GLU A 145 12.98 -23.47 9.44
CA GLU A 145 13.20 -22.17 8.81
C GLU A 145 12.60 -22.12 7.41
N SER A 146 12.71 -23.23 6.66
CA SER A 146 12.15 -23.24 5.31
C SER A 146 10.64 -23.12 5.34
N ARG A 147 10.01 -23.81 6.30
CA ARG A 147 8.56 -23.69 6.45
C ARG A 147 8.16 -22.26 6.80
N GLN A 148 8.92 -21.61 7.68
CA GLN A 148 8.64 -20.21 8.03
C GLN A 148 8.84 -19.29 6.83
N LEU A 149 9.92 -19.48 6.07
CA LEU A 149 10.13 -18.64 4.89
C LEU A 149 9.00 -18.81 3.88
N LEU A 150 8.57 -20.05 3.64
CA LEU A 150 7.47 -20.27 2.71
C LEU A 150 6.18 -19.63 3.22
N SER A 151 5.93 -19.73 4.53
CA SER A 151 4.73 -19.13 5.10
C SER A 151 4.74 -17.62 4.94
N TYR A 152 5.85 -16.98 5.32
CA TYR A 152 6.01 -15.53 5.12
C TYR A 152 5.81 -15.13 3.66
N ALA A 153 6.38 -15.90 2.73
CA ALA A 153 6.22 -15.58 1.30
C ALA A 153 4.76 -15.73 0.87
N LEU A 154 4.06 -16.74 1.37
CA LEU A 154 2.68 -16.98 0.98
C LEU A 154 1.73 -15.91 1.48
N ILE A 155 2.04 -15.25 2.61
CA ILE A 155 1.18 -14.18 3.13
C ILE A 155 1.71 -12.80 2.77
N HIS A 156 2.82 -12.73 2.06
CA HIS A 156 3.46 -11.45 1.79
C HIS A 156 2.66 -10.67 0.77
N PRO A 157 2.27 -9.43 1.05
CA PRO A 157 1.52 -8.65 0.05
C PRO A 157 2.26 -8.48 -1.26
N ALA A 158 3.59 -8.62 -1.28
CA ALA A 158 4.31 -8.47 -2.53
C ALA A 158 4.14 -9.64 -3.49
N THR A 159 3.75 -10.83 -3.02
CA THR A 159 3.76 -11.98 -3.92
C THR A 159 2.47 -12.04 -4.75
N SER A 160 2.60 -12.44 -6.00
CA SER A 160 1.48 -12.55 -6.92
C SER A 160 0.77 -13.89 -6.75
N LEU A 161 -0.38 -14.03 -7.42
CA LEU A 161 -1.07 -15.32 -7.38
C LEU A 161 -0.21 -16.40 -8.03
N GLU A 162 0.51 -16.07 -9.10
CA GLU A 162 1.42 -17.04 -9.71
C GLU A 162 2.56 -17.41 -8.76
N ASP A 163 3.16 -16.41 -8.11
CA ASP A 163 4.16 -16.68 -7.08
C ASP A 163 3.61 -17.64 -6.03
N ARG A 164 2.38 -17.40 -5.58
CA ARG A 164 1.86 -18.19 -4.47
C ARG A 164 1.53 -19.60 -4.91
N SER A 165 1.16 -19.79 -6.17
CA SER A 165 1.00 -21.15 -6.68
C SER A 165 2.33 -21.91 -6.62
N ALA A 166 3.42 -21.26 -7.02
CA ALA A 166 4.76 -21.87 -6.94
C ALA A 166 5.17 -22.12 -5.49
N LEU A 167 4.87 -21.17 -4.60
CA LEU A 167 5.25 -21.33 -3.21
C LEU A 167 4.48 -22.47 -2.54
N ALA A 168 3.20 -22.61 -2.88
CA ALA A 168 2.41 -23.72 -2.36
C ALA A 168 2.92 -25.05 -2.89
N MET A 169 3.34 -25.09 -4.16
CA MET A 169 3.98 -26.30 -4.67
C MET A 169 5.17 -26.67 -3.81
N TRP A 170 6.05 -25.71 -3.53
CA TRP A 170 7.24 -25.98 -2.73
C TRP A 170 6.86 -26.41 -1.31
N LEU A 171 5.85 -25.78 -0.73
CA LEU A 171 5.47 -26.12 0.64
C LEU A 171 4.94 -27.55 0.72
N ASN A 172 4.08 -27.93 -0.21
CA ASN A 172 3.57 -29.31 -0.25
C ASN A 172 4.71 -30.31 -0.47
N HIS A 173 5.67 -29.96 -1.32
CA HIS A 173 6.83 -30.83 -1.53
C HIS A 173 7.65 -30.97 -0.26
N LEU A 174 7.91 -29.86 0.44
CA LEU A 174 8.63 -29.92 1.70
C LEU A 174 7.88 -30.81 2.70
N GLU A 175 6.57 -30.62 2.82
CA GLU A 175 5.82 -31.39 3.81
C GLU A 175 5.77 -32.86 3.41
N ASP A 176 5.63 -33.14 2.11
CA ASP A 176 5.60 -34.52 1.65
C ASP A 176 6.93 -35.21 1.88
N ARG A 177 8.04 -34.51 1.68
CA ARG A 177 9.36 -35.12 1.79
C ARG A 177 9.85 -35.24 3.23
N THR A 178 9.29 -34.46 4.14
CA THR A 178 9.66 -34.51 5.55
C THR A 178 8.65 -35.27 6.42
N SER A 179 7.57 -35.77 5.83
CA SER A 179 6.59 -36.56 6.59
C SER A 179 6.88 -38.06 6.46
N ILE B 15 -34.78 39.41 -32.95
CA ILE B 15 -34.23 39.65 -31.58
C ILE B 15 -32.72 39.45 -31.60
N PRO B 16 -31.92 40.53 -31.59
CA PRO B 16 -30.46 40.39 -31.53
C PRO B 16 -30.02 39.48 -30.39
N THR B 17 -29.11 38.55 -30.69
CA THR B 17 -28.62 37.61 -29.67
C THR B 17 -27.42 38.25 -28.95
N THR B 18 -27.28 37.98 -27.65
CA THR B 18 -26.14 38.52 -26.86
C THR B 18 -24.80 37.97 -27.35
N GLU B 19 -23.76 38.80 -27.40
CA GLU B 19 -22.42 38.33 -27.75
C GLU B 19 -21.99 37.20 -26.82
N ASN B 20 -22.38 37.27 -25.55
CA ASN B 20 -22.03 36.21 -24.62
C ASN B 20 -22.59 34.88 -25.10
N LEU B 21 -23.93 34.78 -25.20
CA LEU B 21 -24.53 33.50 -25.58
C LEU B 21 -24.06 33.04 -26.94
N TYR B 22 -23.79 33.98 -27.86
CA TYR B 22 -23.34 33.62 -29.20
C TYR B 22 -21.94 33.00 -29.14
N PHE B 23 -21.01 33.67 -28.46
CA PHE B 23 -19.67 33.13 -28.24
C PHE B 23 -19.72 31.80 -27.48
N GLN B 24 -20.55 31.70 -26.43
CA GLN B 24 -20.65 30.45 -25.70
C GLN B 24 -21.18 29.34 -26.59
N SER B 25 -22.13 29.68 -27.46
CA SER B 25 -22.69 28.70 -28.38
C SER B 25 -21.62 28.19 -29.35
N MET B 26 -20.84 29.09 -29.94
CA MET B 26 -19.78 28.69 -30.85
C MET B 26 -18.75 27.81 -30.13
N PHE B 27 -18.43 28.14 -28.88
CA PHE B 27 -17.49 27.30 -28.13
C PHE B 27 -18.03 25.89 -27.95
N ARG B 28 -19.30 25.77 -27.52
CA ARG B 28 -19.89 24.44 -27.37
C ARG B 28 -19.89 23.68 -28.69
N ASP B 29 -20.17 24.36 -29.81
CA ASP B 29 -20.09 23.73 -31.12
C ASP B 29 -18.70 23.16 -31.38
N GLN B 30 -17.66 23.97 -31.10
CA GLN B 30 -16.29 23.52 -31.31
C GLN B 30 -15.95 22.33 -30.44
N VAL B 31 -16.35 22.36 -29.17
CA VAL B 31 -16.09 21.23 -28.28
C VAL B 31 -16.78 19.97 -28.81
N GLY B 32 -17.99 20.13 -29.37
CA GLY B 32 -18.66 18.99 -29.97
C GLY B 32 -17.90 18.40 -31.15
N VAL B 33 -17.42 19.27 -32.06
CA VAL B 33 -16.63 18.80 -33.20
C VAL B 33 -15.40 18.04 -32.70
N LEU B 34 -14.72 18.63 -31.71
CA LEU B 34 -13.54 18.01 -31.12
C LEU B 34 -13.85 16.64 -30.54
N ALA B 35 -14.99 16.48 -29.87
CA ALA B 35 -15.36 15.19 -29.33
C ALA B 35 -15.50 14.16 -30.45
N GLY B 36 -16.16 14.54 -31.54
CA GLY B 36 -16.28 13.65 -32.69
C GLY B 36 -14.95 13.25 -33.26
N TRP B 37 -14.04 14.22 -33.45
CA TRP B 37 -12.71 13.91 -33.96
C TRP B 37 -11.98 12.95 -33.02
N PHE B 38 -12.03 13.25 -31.72
CA PHE B 38 -11.32 12.44 -30.74
C PHE B 38 -11.80 11.00 -30.73
N LYS B 39 -13.11 10.78 -30.87
CA LYS B 39 -13.67 9.43 -30.91
C LYS B 39 -13.17 8.65 -32.10
N GLY B 40 -12.90 9.33 -33.21
CA GLY B 40 -12.39 8.68 -34.40
C GLY B 40 -10.90 8.52 -34.47
N TRP B 41 -10.15 9.15 -33.57
CA TRP B 41 -8.70 9.04 -33.57
C TRP B 41 -8.27 7.75 -32.87
N ASN B 42 -7.16 7.18 -33.32
CA ASN B 42 -6.56 6.11 -32.53
C ASN B 42 -5.84 6.70 -31.31
N GLU B 43 -5.37 5.80 -30.42
CA GLU B 43 -4.84 6.28 -29.14
C GLU B 43 -3.60 7.14 -29.34
N CYS B 44 -2.74 6.79 -30.30
CA CYS B 44 -1.58 7.61 -30.60
C CYS B 44 -1.96 9.01 -31.06
N GLU B 45 -2.91 9.10 -32.00
CA GLU B 45 -3.39 10.41 -32.44
C GLU B 45 -3.98 11.22 -31.28
N GLN B 46 -4.79 10.56 -30.43
CA GLN B 46 -5.36 11.24 -29.26
C GLN B 46 -4.26 11.84 -28.38
N THR B 47 -3.22 11.05 -28.09
CA THR B 47 -2.15 11.53 -27.23
C THR B 47 -1.39 12.70 -27.87
N VAL B 48 -1.04 12.56 -29.15
CA VAL B 48 -0.33 13.62 -29.86
C VAL B 48 -1.17 14.89 -29.94
N ALA B 49 -2.47 14.77 -30.25
CA ALA B 49 -3.31 15.97 -30.30
C ALA B 49 -3.36 16.67 -28.94
N LEU B 50 -3.48 15.89 -27.86
CA LEU B 50 -3.54 16.49 -26.53
C LEU B 50 -2.22 17.16 -26.17
N LEU B 51 -1.10 16.54 -26.52
CA LEU B 51 0.18 17.20 -26.29
C LEU B 51 0.30 18.50 -27.09
N SER B 52 -0.26 18.54 -28.31
CA SER B 52 -0.17 19.76 -29.12
C SER B 52 -0.86 20.94 -28.46
N LEU B 53 -1.87 20.68 -27.62
CA LEU B 53 -2.52 21.72 -26.86
C LEU B 53 -1.82 21.98 -25.54
N LEU B 54 -1.42 20.92 -24.83
CA LEU B 54 -0.81 21.12 -23.51
C LEU B 54 0.46 21.93 -23.59
N LYS B 55 1.20 21.82 -24.70
CA LYS B 55 2.40 22.62 -24.86
C LYS B 55 2.09 24.12 -24.94
N ARG B 56 0.84 24.49 -25.17
CA ARG B 56 0.47 25.88 -25.36
C ARG B 56 -0.13 26.55 -24.11
N VAL B 57 -0.44 25.80 -23.05
CA VAL B 57 -1.12 26.40 -21.91
C VAL B 57 -0.10 27.07 -21.00
N SER B 58 -0.59 27.92 -20.10
CA SER B 58 0.24 28.54 -19.08
C SER B 58 0.70 27.51 -18.05
N GLN B 59 1.72 27.88 -17.27
CA GLN B 59 2.16 26.97 -16.23
C GLN B 59 1.04 26.71 -15.23
N THR B 60 0.21 27.74 -14.96
CA THR B 60 -0.89 27.57 -14.02
C THR B 60 -1.94 26.61 -14.57
N GLN B 61 -2.33 26.77 -15.84
CA GLN B 61 -3.26 25.79 -16.44
C GLN B 61 -2.68 24.38 -16.43
N ALA B 62 -1.39 24.27 -16.76
CA ALA B 62 -0.74 22.96 -16.79
C ALA B 62 -0.80 22.29 -15.42
N ARG B 63 -0.50 23.04 -14.35
CA ARG B 63 -0.53 22.45 -13.01
C ARG B 63 -1.95 22.03 -12.64
N PHE B 64 -2.94 22.86 -12.98
CA PHE B 64 -4.32 22.51 -12.69
C PHE B 64 -4.69 21.19 -13.34
N LEU B 65 -4.37 21.06 -14.64
CA LEU B 65 -4.71 19.82 -15.34
C LEU B 65 -3.94 18.63 -14.78
N GLN B 66 -2.67 18.84 -14.41
CA GLN B 66 -1.90 17.79 -13.77
C GLN B 66 -2.58 17.33 -12.48
N LEU B 67 -3.02 18.28 -11.65
CA LEU B 67 -3.72 17.94 -10.41
C LEU B 67 -5.02 17.20 -10.67
N CYS B 68 -5.76 17.59 -11.71
CA CYS B 68 -6.97 16.86 -12.08
C CYS B 68 -6.65 15.41 -12.43
N LEU B 69 -5.60 15.19 -13.24
CA LEU B 69 -5.22 13.84 -13.63
C LEU B 69 -4.76 13.02 -12.43
N GLU B 70 -3.89 13.61 -11.60
CA GLU B 70 -3.42 12.88 -10.43
C GLU B 70 -4.58 12.51 -9.52
N HIS B 71 -5.53 13.43 -9.32
CA HIS B 71 -6.70 13.11 -8.51
C HIS B 71 -7.50 11.95 -9.09
N SER B 72 -7.72 11.95 -10.41
CA SER B 72 -8.55 10.93 -11.02
C SER B 72 -7.92 9.54 -10.98
N LEU B 73 -6.59 9.45 -10.94
CA LEU B 73 -5.89 8.18 -11.03
C LEU B 73 -5.43 7.65 -9.67
N ALA B 74 -5.73 8.36 -8.58
CA ALA B 74 -5.10 8.09 -7.29
C ALA B 74 -5.35 6.67 -6.78
N ASP B 75 -6.53 6.11 -7.08
CA ASP B 75 -6.92 4.82 -6.54
C ASP B 75 -7.16 3.78 -7.63
N CYS B 76 -6.46 3.93 -8.76
CA CYS B 76 -6.60 3.01 -9.90
C CYS B 76 -5.62 1.86 -9.67
N ALA B 77 -6.08 0.81 -8.99
CA ALA B 77 -5.17 -0.25 -8.55
C ALA B 77 -4.52 -0.98 -9.72
N GLU B 78 -5.30 -1.30 -10.77
CA GLU B 78 -4.76 -2.04 -11.90
C GLU B 78 -3.72 -1.22 -12.65
N LEU B 79 -3.98 0.08 -12.80
CA LEU B 79 -2.99 0.97 -13.39
C LEU B 79 -1.69 0.92 -12.60
N HIS B 80 -1.77 0.97 -11.26
CA HIS B 80 -0.56 0.99 -10.45
C HIS B 80 0.28 -0.26 -10.68
N VAL B 81 -0.37 -1.41 -10.87
CA VAL B 81 0.35 -2.66 -11.16
C VAL B 81 1.13 -2.53 -12.46
N LEU B 82 0.48 -2.00 -13.50
CA LEU B 82 1.17 -1.79 -14.77
C LEU B 82 2.34 -0.82 -14.63
N GLU B 83 2.18 0.26 -13.84
CA GLU B 83 3.25 1.25 -13.67
C GLU B 83 4.47 0.64 -13.04
N ARG B 84 4.28 -0.20 -12.03
CA ARG B 84 5.40 -0.88 -11.39
C ARG B 84 6.15 -1.74 -12.40
N GLU B 85 5.42 -2.55 -13.18
CA GLU B 85 6.05 -3.33 -14.24
C GLU B 85 6.81 -2.45 -15.21
N ALA B 86 6.20 -1.33 -15.62
CA ALA B 86 6.74 -0.46 -16.65
C ALA B 86 8.01 0.27 -16.21
N ASN B 87 8.31 0.27 -14.90
CA ASN B 87 9.44 0.98 -14.33
C ASN B 87 10.46 0.06 -13.67
N SER B 88 10.35 -1.24 -13.90
CA SER B 88 11.24 -2.23 -13.29
C SER B 88 12.22 -2.73 -14.34
N PRO B 89 13.49 -2.29 -14.31
CA PRO B 89 14.40 -2.65 -15.41
C PRO B 89 14.60 -4.15 -15.57
N GLY B 90 14.57 -4.90 -14.47
CA GLY B 90 14.74 -6.35 -14.58
C GLY B 90 13.56 -7.02 -15.29
N ILE B 91 12.35 -6.59 -14.94
CA ILE B 91 11.14 -7.07 -15.61
C ILE B 91 11.19 -6.75 -17.10
N ILE B 92 11.48 -5.48 -17.44
CA ILE B 92 11.49 -5.09 -18.85
C ILE B 92 12.53 -5.88 -19.63
N ASN B 93 13.72 -6.06 -19.03
CA ASN B 93 14.80 -6.79 -19.70
C ASN B 93 14.37 -8.20 -20.09
N GLN B 94 13.62 -8.88 -19.22
CA GLN B 94 13.19 -10.24 -19.53
C GLN B 94 12.11 -10.30 -20.58
N TRP B 95 11.49 -9.16 -20.96
CA TRP B 95 10.49 -9.21 -22.03
C TRP B 95 11.07 -9.70 -23.34
N GLN B 96 12.37 -9.48 -23.55
CA GLN B 96 12.98 -9.82 -24.87
C GLN B 96 12.74 -11.31 -25.20
N GLN B 97 12.72 -12.16 -24.18
CA GLN B 97 12.61 -13.62 -24.41
C GLN B 97 11.16 -14.03 -24.70
N GLU B 98 10.22 -13.09 -24.74
CA GLU B 98 8.85 -13.43 -25.08
C GLU B 98 8.68 -13.47 -26.60
N SER B 99 7.50 -13.91 -27.03
CA SER B 99 7.22 -13.92 -28.47
C SER B 99 7.12 -12.49 -29.02
N LYS B 100 7.25 -12.36 -30.33
CA LYS B 100 7.17 -11.02 -30.96
C LYS B 100 5.82 -10.37 -30.62
N ASP B 101 4.72 -11.11 -30.79
CA ASP B 101 3.42 -10.52 -30.49
C ASP B 101 3.36 -10.03 -29.04
N LYS B 102 3.92 -10.82 -28.13
CA LYS B 102 3.84 -10.50 -26.71
C LYS B 102 4.68 -9.28 -26.38
N VAL B 103 5.87 -9.17 -26.99
CA VAL B 103 6.75 -8.03 -26.70
C VAL B 103 6.14 -6.73 -27.21
N ILE B 104 5.59 -6.73 -28.44
CA ILE B 104 4.85 -5.57 -28.93
C ILE B 104 3.76 -5.18 -27.96
N SER B 105 2.97 -6.16 -27.51
CA SER B 105 1.88 -5.89 -26.58
C SER B 105 2.41 -5.28 -25.29
N LEU B 106 3.46 -5.89 -24.71
CA LEU B 106 4.03 -5.37 -23.47
C LEU B 106 4.56 -3.95 -23.65
N LEU B 107 5.27 -3.69 -24.74
CA LEU B 107 5.82 -2.35 -24.96
C LEU B 107 4.71 -1.31 -25.09
N LEU B 108 3.67 -1.61 -25.88
CA LEU B 108 2.60 -0.64 -26.10
C LEU B 108 1.87 -0.31 -24.80
N THR B 109 1.64 -1.31 -23.97
CA THR B 109 0.87 -1.07 -22.75
C THR B 109 1.71 -0.49 -21.62
N HIS B 110 3.04 -0.58 -21.69
CA HIS B 110 3.89 -0.15 -20.57
C HIS B 110 4.71 1.10 -20.86
N LEU B 111 5.20 1.29 -22.09
CA LEU B 111 6.05 2.43 -22.38
C LEU B 111 5.44 3.78 -21.99
N PRO B 112 4.14 4.06 -22.18
CA PRO B 112 3.61 5.36 -21.73
C PRO B 112 3.66 5.57 -20.21
N LEU B 113 3.89 4.51 -19.43
CA LEU B 113 3.93 4.58 -17.98
C LEU B 113 5.34 4.70 -17.43
N LEU B 114 6.36 4.60 -18.28
CA LEU B 114 7.74 4.83 -17.88
C LEU B 114 7.91 6.23 -17.31
N LYS B 115 8.53 6.33 -16.14
CA LYS B 115 8.69 7.65 -15.52
C LYS B 115 9.85 8.40 -16.18
N PRO B 116 9.68 9.71 -16.44
CA PRO B 116 10.73 10.47 -17.13
C PRO B 116 12.10 10.37 -16.50
N GLY B 117 12.21 10.26 -15.18
CA GLY B 117 13.56 10.16 -14.66
C GLY B 117 14.14 8.76 -14.48
N ASN B 118 13.43 7.72 -14.90
CA ASN B 118 13.84 6.34 -14.65
C ASN B 118 14.78 5.89 -15.76
N LEU B 119 16.07 6.24 -15.61
CA LEU B 119 17.04 6.03 -16.68
C LEU B 119 17.28 4.54 -16.96
N ASP B 120 17.42 3.73 -15.91
CA ASP B 120 17.71 2.31 -16.13
C ASP B 120 16.55 1.61 -16.83
N ALA B 121 15.31 1.97 -16.48
CA ALA B 121 14.18 1.39 -17.20
C ALA B 121 14.17 1.85 -18.65
N LYS B 122 14.46 3.14 -18.86
CA LYS B 122 14.46 3.68 -20.22
C LYS B 122 15.45 2.94 -21.11
N VAL B 123 16.65 2.67 -20.57
CA VAL B 123 17.68 1.96 -21.31
C VAL B 123 17.16 0.59 -21.77
N GLU B 124 16.41 -0.12 -20.91
CA GLU B 124 15.89 -1.42 -21.29
C GLU B 124 14.85 -1.32 -22.40
N TYR B 125 14.02 -0.26 -22.38
CA TYR B 125 13.13 -0.04 -23.52
C TYR B 125 13.91 0.23 -24.79
N MET B 126 14.96 1.04 -24.68
CA MET B 126 15.73 1.45 -25.84
C MET B 126 16.52 0.29 -26.43
N LYS B 127 16.79 -0.75 -25.64
CA LYS B 127 17.42 -1.97 -26.16
C LYS B 127 16.43 -2.87 -26.87
N LEU B 128 15.18 -2.90 -26.42
CA LEU B 128 14.20 -3.85 -27.00
C LEU B 128 13.65 -3.32 -28.33
N LEU B 129 13.47 -2.01 -28.44
CA LEU B 129 12.81 -1.44 -29.65
C LEU B 129 13.55 -1.79 -30.93
N PRO B 130 14.88 -1.58 -31.08
CA PRO B 130 15.55 -1.86 -32.35
C PRO B 130 15.30 -3.28 -32.84
N LYS B 131 15.26 -4.24 -31.93
CA LYS B 131 15.10 -5.67 -32.32
C LYS B 131 13.65 -5.88 -32.75
N ILE B 132 12.71 -5.25 -32.06
CA ILE B 132 11.31 -5.31 -32.49
C ILE B 132 11.15 -4.71 -33.87
N LEU B 133 11.79 -3.56 -34.11
CA LEU B 133 11.62 -2.84 -35.37
C LEU B 133 12.19 -3.64 -36.54
N ALA B 134 13.41 -4.16 -36.38
CA ALA B 134 14.06 -4.91 -37.44
C ALA B 134 13.19 -6.07 -37.92
N HIS B 135 12.73 -6.91 -36.98
CA HIS B 135 11.87 -8.01 -37.37
C HIS B 135 10.59 -7.49 -38.00
N SER B 136 10.00 -6.44 -37.41
CA SER B 136 8.71 -5.95 -37.90
C SER B 136 8.81 -5.48 -39.35
N ILE B 137 9.98 -4.99 -39.73
CA ILE B 137 10.13 -4.44 -41.10
C ILE B 137 10.52 -5.56 -42.06
N GLU B 138 11.31 -6.54 -41.61
CA GLU B 138 11.80 -7.60 -42.51
C GLU B 138 10.82 -8.79 -42.54
N HIS B 139 9.57 -8.58 -42.13
CA HIS B 139 8.54 -9.64 -42.17
C HIS B 139 7.18 -8.98 -42.33
N ASN B 140 7.14 -7.69 -42.67
CA ASN B 140 5.87 -6.94 -42.84
C ASN B 140 4.88 -7.30 -41.74
N GLN B 141 5.28 -7.16 -40.48
CA GLN B 141 4.43 -7.45 -39.34
C GLN B 141 4.46 -6.30 -38.35
N HIS B 142 3.34 -6.09 -37.67
CA HIS B 142 3.23 -5.08 -36.61
C HIS B 142 3.68 -3.70 -37.08
N ILE B 143 3.40 -3.38 -38.34
CA ILE B 143 3.90 -2.12 -38.89
C ILE B 143 3.21 -0.93 -38.23
N GLU B 144 1.91 -1.05 -37.97
CA GLU B 144 1.18 0.01 -37.29
C GLU B 144 1.58 0.10 -35.82
N GLU B 145 1.59 -1.04 -35.12
CA GLU B 145 1.96 -1.04 -33.71
C GLU B 145 3.39 -0.54 -33.52
N SER B 146 4.29 -0.94 -34.42
CA SER B 146 5.66 -0.43 -34.39
C SER B 146 5.71 1.06 -34.70
N ARG B 147 4.80 1.57 -35.53
CA ARG B 147 4.74 3.01 -35.76
C ARG B 147 4.33 3.74 -34.49
N GLN B 148 3.27 3.27 -33.85
CA GLN B 148 2.81 3.89 -32.60
C GLN B 148 3.88 3.83 -31.53
N LEU B 149 4.60 2.71 -31.46
CA LEU B 149 5.67 2.59 -30.47
C LEU B 149 6.75 3.63 -30.70
N LEU B 150 7.18 3.79 -31.95
CA LEU B 150 8.17 4.81 -32.25
C LEU B 150 7.64 6.21 -31.95
N SER B 151 6.35 6.45 -32.22
CA SER B 151 5.77 7.74 -31.90
C SER B 151 5.78 7.97 -30.40
N TYR B 152 5.34 6.98 -29.63
CA TYR B 152 5.33 7.17 -28.17
C TYR B 152 6.74 7.39 -27.64
N ALA B 153 7.72 6.69 -28.21
CA ALA B 153 9.10 6.89 -27.75
C ALA B 153 9.61 8.28 -28.11
N LEU B 154 9.24 8.78 -29.29
CA LEU B 154 9.72 10.08 -29.72
C LEU B 154 9.14 11.22 -28.88
N ILE B 155 7.94 11.02 -28.32
CA ILE B 155 7.30 12.06 -27.52
C ILE B 155 7.47 11.84 -26.02
N HIS B 156 8.10 10.74 -25.60
CA HIS B 156 8.22 10.44 -24.18
C HIS B 156 9.31 11.31 -23.55
N PRO B 157 9.03 12.07 -22.51
CA PRO B 157 10.06 12.92 -21.91
C PRO B 157 11.27 12.16 -21.38
N ALA B 158 11.19 10.84 -21.20
CA ALA B 158 12.35 10.10 -20.72
C ALA B 158 13.43 9.93 -21.80
N THR B 159 13.11 10.06 -23.09
CA THR B 159 14.10 9.77 -24.11
C THR B 159 14.99 10.98 -24.36
N SER B 160 16.27 10.71 -24.63
CA SER B 160 17.27 11.74 -24.86
C SER B 160 17.31 12.14 -26.34
N LEU B 161 18.06 13.21 -26.63
CA LEU B 161 18.23 13.62 -28.03
C LEU B 161 18.90 12.52 -28.85
N GLU B 162 19.90 11.85 -28.28
CA GLU B 162 20.51 10.71 -28.95
C GLU B 162 19.49 9.60 -29.16
N ASP B 163 18.72 9.29 -28.11
CA ASP B 163 17.63 8.33 -28.26
C ASP B 163 16.74 8.69 -29.43
N ARG B 164 16.32 9.95 -29.49
CA ARG B 164 15.37 10.35 -30.52
C ARG B 164 16.00 10.38 -31.91
N SER B 165 17.30 10.66 -32.00
CA SER B 165 17.99 10.52 -33.28
C SER B 165 17.86 9.09 -33.80
N ALA B 166 18.20 8.14 -32.96
CA ALA B 166 18.09 6.72 -33.37
C ALA B 166 16.64 6.41 -33.74
N LEU B 167 15.69 6.82 -32.90
CA LEU B 167 14.27 6.46 -33.14
C LEU B 167 13.80 7.06 -34.46
N ALA B 168 14.24 8.27 -34.76
CA ALA B 168 13.81 8.95 -35.99
C ALA B 168 14.37 8.21 -37.21
N MET B 169 15.64 7.81 -37.17
CA MET B 169 16.22 7.04 -38.28
C MET B 169 15.35 5.81 -38.49
N TRP B 170 15.01 5.12 -37.40
CA TRP B 170 14.21 3.88 -37.50
C TRP B 170 12.87 4.19 -38.17
N LEU B 171 12.27 5.32 -37.82
CA LEU B 171 10.95 5.67 -38.41
C LEU B 171 11.12 5.91 -39.90
N ASN B 172 12.26 6.49 -40.28
CA ASN B 172 12.54 6.77 -41.71
C ASN B 172 12.93 5.46 -42.39
N HIS B 173 13.78 4.66 -41.74
CA HIS B 173 14.19 3.35 -42.30
C HIS B 173 13.04 2.34 -42.13
N LEU B 174 11.80 2.80 -41.95
CA LEU B 174 10.64 1.88 -41.91
C LEU B 174 9.60 2.38 -42.93
N LEU C 21 -1.23 -23.06 5.00
CA LEU C 21 -0.15 -23.09 5.98
C LEU C 21 -0.32 -24.28 6.91
N TYR C 22 0.78 -24.90 7.30
CA TYR C 22 0.80 -26.05 8.19
C TYR C 22 1.18 -25.59 9.59
N PHE C 23 0.27 -25.78 10.54
CA PHE C 23 0.46 -25.23 11.88
C PHE C 23 0.13 -26.30 12.92
N GLN C 24 0.75 -26.17 14.09
CA GLN C 24 0.46 -27.06 15.21
C GLN C 24 -1.03 -27.03 15.54
N SER C 25 -1.58 -28.18 15.94
CA SER C 25 -3.01 -28.26 16.21
C SER C 25 -3.42 -27.39 17.41
N MET C 26 -2.58 -27.35 18.45
CA MET C 26 -2.83 -26.43 19.57
C MET C 26 -2.88 -24.98 19.08
N PHE C 27 -1.91 -24.59 18.26
CA PHE C 27 -1.93 -23.23 17.71
C PHE C 27 -3.21 -22.98 16.93
N ARG C 28 -3.61 -23.93 16.07
CA ARG C 28 -4.88 -23.75 15.36
C ARG C 28 -6.03 -23.55 16.33
N ASP C 29 -6.09 -24.34 17.41
CA ASP C 29 -7.16 -24.19 18.38
C ASP C 29 -7.11 -22.83 19.06
N GLN C 30 -5.89 -22.36 19.41
CA GLN C 30 -5.77 -21.05 20.06
C GLN C 30 -6.21 -19.94 19.12
N VAL C 31 -5.82 -20.01 17.84
CA VAL C 31 -6.27 -19.01 16.87
C VAL C 31 -7.79 -19.04 16.73
N GLY C 32 -8.38 -20.24 16.79
CA GLY C 32 -9.84 -20.33 16.80
C GLY C 32 -10.47 -19.65 18.00
N VAL C 33 -9.89 -19.84 19.19
CA VAL C 33 -10.41 -19.14 20.38
C VAL C 33 -10.27 -17.63 20.19
N LEU C 34 -9.09 -17.19 19.73
CA LEU C 34 -8.86 -15.79 19.43
C LEU C 34 -9.94 -15.22 18.51
N ALA C 35 -10.27 -15.94 17.43
CA ALA C 35 -11.26 -15.43 16.49
C ALA C 35 -12.62 -15.25 17.17
N GLY C 36 -13.01 -16.21 18.00
CA GLY C 36 -14.27 -16.09 18.71
C GLY C 36 -14.30 -14.91 19.66
N TRP C 37 -13.25 -14.74 20.46
CA TRP C 37 -13.17 -13.59 21.35
C TRP C 37 -13.23 -12.29 20.56
N PHE C 38 -12.49 -12.23 19.45
CA PHE C 38 -12.43 -11.00 18.66
C PHE C 38 -13.79 -10.63 18.10
N LYS C 39 -14.55 -11.62 17.64
CA LYS C 39 -15.91 -11.34 17.09
C LYS C 39 -16.81 -10.78 18.20
N GLY C 40 -16.62 -11.21 19.44
CA GLY C 40 -17.46 -10.74 20.52
C GLY C 40 -17.06 -9.42 21.12
N TRP C 41 -15.86 -8.91 20.82
CA TRP C 41 -15.37 -7.66 21.36
C TRP C 41 -15.96 -6.48 20.60
N ASN C 42 -16.07 -5.33 21.28
CA ASN C 42 -16.40 -4.11 20.56
C ASN C 42 -15.15 -3.55 19.87
N GLU C 43 -15.33 -2.50 19.06
CA GLU C 43 -14.20 -2.02 18.26
C GLU C 43 -13.09 -1.49 19.14
N CYS C 44 -13.43 -0.79 20.22
CA CYS C 44 -12.42 -0.33 21.17
C CYS C 44 -11.62 -1.49 21.75
N GLU C 45 -12.32 -2.52 22.24
CA GLU C 45 -11.64 -3.71 22.74
C GLU C 45 -10.75 -4.33 21.67
N GLN C 46 -11.26 -4.45 20.44
CA GLN C 46 -10.45 -5.04 19.37
C GLN C 46 -9.16 -4.25 19.18
N THR C 47 -9.26 -2.93 19.11
CA THR C 47 -8.08 -2.08 18.89
C THR C 47 -7.10 -2.20 20.04
N VAL C 48 -7.61 -2.15 21.28
CA VAL C 48 -6.74 -2.25 22.45
C VAL C 48 -6.05 -3.62 22.50
N ALA C 49 -6.78 -4.70 22.23
CA ALA C 49 -6.16 -6.03 22.26
C ALA C 49 -5.07 -6.14 21.21
N LEU C 50 -5.33 -5.63 20.00
CA LEU C 50 -4.32 -5.68 18.95
C LEU C 50 -3.10 -4.86 19.34
N LEU C 51 -3.31 -3.67 19.92
CA LEU C 51 -2.17 -2.90 20.40
C LEU C 51 -1.39 -3.65 21.46
N SER C 52 -2.08 -4.41 22.33
CA SER C 52 -1.39 -5.14 23.38
C SER C 52 -0.47 -6.21 22.79
N LEU C 53 -0.78 -6.71 21.60
CA LEU C 53 0.12 -7.66 20.97
C LEU C 53 1.16 -6.97 20.09
N LEU C 54 0.78 -5.90 19.39
CA LEU C 54 1.76 -5.24 18.51
C LEU C 54 2.91 -4.63 19.31
N LYS C 55 2.68 -4.30 20.58
CA LYS C 55 3.76 -3.78 21.40
C LYS C 55 4.83 -4.83 21.68
N ARG C 56 4.52 -6.11 21.48
CA ARG C 56 5.44 -7.18 21.82
C ARG C 56 6.20 -7.75 20.65
N VAL C 57 5.94 -7.30 19.42
CA VAL C 57 6.60 -7.90 18.26
C VAL C 57 7.93 -7.22 18.01
N SER C 58 8.75 -7.86 17.19
CA SER C 58 10.02 -7.28 16.78
C SER C 58 9.79 -6.12 15.81
N GLN C 59 10.80 -5.28 15.66
CA GLN C 59 10.70 -4.19 14.70
C GLN C 59 10.42 -4.75 13.30
N THR C 60 11.03 -5.90 12.96
CA THR C 60 10.84 -6.48 11.64
C THR C 60 9.40 -6.98 11.45
N GLN C 61 8.86 -7.68 12.45
CA GLN C 61 7.43 -8.05 12.39
C GLN C 61 6.53 -6.83 12.29
N ALA C 62 6.82 -5.79 13.09
CA ALA C 62 6.02 -4.56 13.03
C ALA C 62 6.04 -3.95 11.63
N ARG C 63 7.22 -3.90 10.99
CA ARG C 63 7.30 -3.32 9.66
C ARG C 63 6.53 -4.16 8.64
N PHE C 64 6.65 -5.48 8.74
CA PHE C 64 5.89 -6.36 7.83
C PHE C 64 4.38 -6.07 7.95
N LEU C 65 3.87 -6.03 9.19
CA LEU C 65 2.44 -5.80 9.39
C LEU C 65 2.04 -4.40 8.92
N GLN C 66 2.91 -3.41 9.15
CA GLN C 66 2.67 -2.07 8.64
C GLN C 66 2.55 -2.10 7.12
N LEU C 67 3.45 -2.83 6.45
CA LEU C 67 3.39 -2.95 4.98
C LEU C 67 2.10 -3.62 4.53
N CYS C 68 1.66 -4.68 5.23
CA CYS C 68 0.40 -5.31 4.90
C CYS C 68 -0.75 -4.32 5.01
N LEU C 69 -0.80 -3.55 6.11
CA LEU C 69 -1.90 -2.60 6.27
C LEU C 69 -1.86 -1.52 5.19
N GLU C 70 -0.68 -0.98 4.93
CA GLU C 70 -0.54 0.05 3.90
C GLU C 70 -0.98 -0.48 2.53
N HIS C 71 -0.59 -1.71 2.19
CA HIS C 71 -1.01 -2.31 0.92
C HIS C 71 -2.53 -2.46 0.84
N SER C 72 -3.16 -2.91 1.92
CA SER C 72 -4.60 -3.14 1.89
C SER C 72 -5.40 -1.84 1.78
N LEU C 73 -4.89 -0.74 2.32
CA LEU C 73 -5.63 0.52 2.39
C LEU C 73 -5.29 1.48 1.25
N ALA C 74 -4.41 1.06 0.32
CA ALA C 74 -3.80 2.00 -0.62
C ALA C 74 -4.82 2.70 -1.51
N ASP C 75 -5.88 1.99 -1.90
CA ASP C 75 -6.83 2.54 -2.87
C ASP C 75 -8.22 2.67 -2.28
N CYS C 76 -8.31 2.88 -0.96
CA CYS C 76 -9.57 3.05 -0.25
C CYS C 76 -9.96 4.53 -0.30
N ALA C 77 -10.74 4.88 -1.34
CA ALA C 77 -11.03 6.29 -1.61
C ALA C 77 -11.85 6.93 -0.48
N GLU C 78 -12.88 6.23 0.01
CA GLU C 78 -13.73 6.79 1.06
C GLU C 78 -12.94 7.00 2.34
N LEU C 79 -12.08 6.04 2.68
CA LEU C 79 -11.19 6.21 3.82
C LEU C 79 -10.32 7.46 3.66
N HIS C 80 -9.79 7.69 2.45
CA HIS C 80 -8.90 8.84 2.26
C HIS C 80 -9.64 10.15 2.51
N VAL C 81 -10.91 10.23 2.11
CA VAL C 81 -11.70 11.43 2.38
C VAL C 81 -11.81 11.68 3.88
N LEU C 82 -12.16 10.64 4.64
CA LEU C 82 -12.23 10.78 6.09
C LEU C 82 -10.89 11.23 6.69
N GLU C 83 -9.78 10.64 6.20
CA GLU C 83 -8.46 10.97 6.73
C GLU C 83 -8.16 12.45 6.56
N ARG C 84 -8.44 12.99 5.38
CA ARG C 84 -8.19 14.41 5.10
C ARG C 84 -8.99 15.30 6.04
N GLU C 85 -10.28 14.97 6.22
CA GLU C 85 -11.09 15.69 7.20
C GLU C 85 -10.47 15.58 8.60
N ALA C 86 -10.05 14.38 8.99
CA ALA C 86 -9.57 14.11 10.34
C ALA C 86 -8.26 14.84 10.64
N ASN C 87 -7.58 15.34 9.62
CA ASN C 87 -6.30 16.01 9.79
C ASN C 87 -6.34 17.48 9.42
N SER C 88 -7.54 18.04 9.28
CA SER C 88 -7.70 19.44 8.88
C SER C 88 -8.13 20.26 10.08
N PRO C 89 -7.25 21.03 10.70
CA PRO C 89 -7.62 21.73 11.95
C PRO C 89 -8.81 22.68 11.78
N GLY C 90 -8.94 23.32 10.63
CA GLY C 90 -10.09 24.20 10.39
C GLY C 90 -11.39 23.43 10.34
N ILE C 91 -11.41 22.31 9.62
CA ILE C 91 -12.59 21.43 9.60
C ILE C 91 -12.94 20.97 11.01
N ILE C 92 -11.95 20.50 11.77
CA ILE C 92 -12.22 20.00 13.12
C ILE C 92 -12.79 21.12 13.99
N ASN C 93 -12.18 22.31 13.90
CA ASN C 93 -12.60 23.42 14.74
C ASN C 93 -14.07 23.75 14.49
N GLN C 94 -14.50 23.72 13.23
CA GLN C 94 -15.88 24.05 12.88
C GLN C 94 -16.88 23.06 13.46
N TRP C 95 -16.44 21.83 13.80
CA TRP C 95 -17.38 20.85 14.32
C TRP C 95 -18.11 21.34 15.57
N GLN C 96 -17.57 22.36 16.25
CA GLN C 96 -18.25 22.90 17.42
C GLN C 96 -19.61 23.51 17.09
N GLN C 97 -19.93 23.70 15.81
CA GLN C 97 -21.19 24.27 15.38
C GLN C 97 -22.25 23.20 15.13
N GLU C 98 -21.96 21.95 15.44
CA GLU C 98 -22.87 20.85 15.18
C GLU C 98 -23.53 20.41 16.47
N SER C 99 -24.60 19.62 16.32
CA SER C 99 -25.28 19.10 17.49
C SER C 99 -24.34 18.17 18.25
N LYS C 100 -24.65 17.98 19.54
CA LYS C 100 -23.80 17.09 20.39
C LYS C 100 -23.71 15.72 19.72
N ASP C 101 -24.84 15.19 19.23
CA ASP C 101 -24.80 13.84 18.69
C ASP C 101 -23.90 13.77 17.46
N LYS C 102 -23.93 14.81 16.63
CA LYS C 102 -23.11 14.81 15.42
C LYS C 102 -21.63 14.99 15.75
N VAL C 103 -21.31 15.83 16.73
CA VAL C 103 -19.91 16.03 17.11
C VAL C 103 -19.32 14.74 17.67
N ILE C 104 -20.10 14.02 18.49
CA ILE C 104 -19.61 12.75 19.01
C ILE C 104 -19.40 11.76 17.86
N SER C 105 -20.33 11.73 16.91
CA SER C 105 -20.18 10.87 15.73
C SER C 105 -18.93 11.24 14.95
N LEU C 106 -18.73 12.53 14.71
CA LEU C 106 -17.56 12.97 13.96
C LEU C 106 -16.26 12.63 14.68
N LEU C 107 -16.22 12.83 15.99
CA LEU C 107 -15.00 12.53 16.75
C LEU C 107 -14.70 11.03 16.70
N LEU C 108 -15.71 10.19 16.87
CA LEU C 108 -15.45 8.75 16.89
C LEU C 108 -14.94 8.24 15.55
N THR C 109 -15.49 8.76 14.46
CA THR C 109 -15.10 8.29 13.14
C THR C 109 -13.80 8.92 12.63
N HIS C 110 -13.35 10.04 13.23
CA HIS C 110 -12.18 10.76 12.72
C HIS C 110 -10.95 10.69 13.62
N LEU C 111 -11.11 10.75 14.95
CA LEU C 111 -9.96 10.70 15.85
C LEU C 111 -8.99 9.54 15.58
N PRO C 112 -9.42 8.31 15.27
CA PRO C 112 -8.44 7.26 14.96
C PRO C 112 -7.62 7.54 13.69
N LEU C 113 -8.04 8.47 12.83
CA LEU C 113 -7.35 8.78 11.58
C LEU C 113 -6.41 9.98 11.72
N LEU C 114 -6.41 10.64 12.87
CA LEU C 114 -5.47 11.72 13.16
C LEU C 114 -4.02 11.23 13.06
N LYS C 115 -3.20 11.96 12.31
CA LYS C 115 -1.82 11.49 12.16
C LYS C 115 -1.00 11.84 13.40
N PRO C 116 -0.17 10.92 13.90
CA PRO C 116 0.58 11.20 15.12
C PRO C 116 1.37 12.51 15.12
N GLY C 117 1.91 12.97 13.98
CA GLY C 117 2.63 14.23 14.12
C GLY C 117 1.86 15.49 13.82
N ASN C 118 0.54 15.41 13.66
CA ASN C 118 -0.29 16.55 13.28
C ASN C 118 -0.71 17.31 14.53
N LEU C 119 0.20 18.16 15.01
CA LEU C 119 0.00 18.83 16.29
C LEU C 119 -1.20 19.77 16.26
N ASP C 120 -1.34 20.55 15.19
CA ASP C 120 -2.42 21.54 15.14
C ASP C 120 -3.79 20.86 15.11
N ALA C 121 -3.92 19.76 14.34
CA ALA C 121 -5.18 19.03 14.37
C ALA C 121 -5.42 18.43 15.75
N LYS C 122 -4.39 17.82 16.35
CA LYS C 122 -4.50 17.27 17.69
C LYS C 122 -5.05 18.29 18.67
N VAL C 123 -4.54 19.53 18.60
CA VAL C 123 -4.99 20.58 19.51
C VAL C 123 -6.49 20.81 19.38
N GLU C 124 -7.01 20.78 18.14
CA GLU C 124 -8.43 21.00 17.92
C GLU C 124 -9.27 19.85 18.48
N TYR C 125 -8.78 18.60 18.38
CA TYR C 125 -9.50 17.51 19.04
C TYR C 125 -9.56 17.72 20.55
N MET C 126 -8.42 18.05 21.17
CA MET C 126 -8.37 18.31 22.61
C MET C 126 -9.20 19.52 23.04
N LYS C 127 -9.50 20.45 22.15
CA LYS C 127 -10.38 21.55 22.55
C LYS C 127 -11.85 21.13 22.54
N LEU C 128 -12.22 20.16 21.68
CA LEU C 128 -13.61 19.74 21.58
C LEU C 128 -14.00 18.74 22.64
N LEU C 129 -13.06 17.92 23.11
CA LEU C 129 -13.40 16.84 24.03
C LEU C 129 -13.99 17.33 25.34
N PRO C 130 -13.37 18.28 26.07
CA PRO C 130 -13.92 18.65 27.39
C PRO C 130 -15.32 19.21 27.31
N LYS C 131 -15.70 19.85 26.20
CA LYS C 131 -17.07 20.29 26.03
C LYS C 131 -18.01 19.09 25.92
N ILE C 132 -17.60 18.08 25.16
CA ILE C 132 -18.48 16.90 24.95
C ILE C 132 -18.61 16.10 26.23
N LEU C 133 -17.53 15.99 27.00
CA LEU C 133 -17.53 15.13 28.21
C LEU C 133 -18.42 15.76 29.28
N ALA C 134 -18.25 17.05 29.55
CA ALA C 134 -19.11 17.76 30.52
C ALA C 134 -20.57 17.44 30.24
N HIS C 135 -21.07 17.78 29.06
CA HIS C 135 -22.50 17.55 28.73
C HIS C 135 -22.84 16.10 29.03
N SER C 136 -22.03 15.18 28.52
CA SER C 136 -22.32 13.74 28.70
C SER C 136 -22.33 13.39 30.18
N ILE C 137 -21.32 13.85 30.93
CA ILE C 137 -21.21 13.46 32.38
C ILE C 137 -22.31 14.14 33.18
N GLU C 138 -22.89 15.22 32.65
CA GLU C 138 -23.99 15.92 33.36
C GLU C 138 -25.31 15.25 33.00
N HIS C 139 -25.65 15.21 31.71
CA HIS C 139 -26.95 14.64 31.27
C HIS C 139 -26.87 13.12 31.18
N ASN C 140 -25.94 12.50 31.91
CA ASN C 140 -25.75 11.03 31.83
C ASN C 140 -26.12 10.55 30.43
N GLN C 141 -25.55 11.17 29.40
CA GLN C 141 -25.81 10.75 28.00
C GLN C 141 -24.49 10.36 27.33
N HIS C 142 -24.55 9.70 26.18
CA HIS C 142 -23.34 9.23 25.45
C HIS C 142 -22.13 9.03 26.37
N ILE C 143 -22.28 8.31 27.48
CA ILE C 143 -21.14 8.05 28.40
C ILE C 143 -20.21 7.03 27.75
N GLU C 144 -20.80 5.99 27.15
CA GLU C 144 -20.00 4.96 26.44
C GLU C 144 -19.24 5.64 25.29
N GLU C 145 -19.94 6.33 24.39
CA GLU C 145 -19.22 7.09 23.34
C GLU C 145 -18.12 7.92 24.01
N SER C 146 -18.47 8.60 25.10
CA SER C 146 -17.46 9.41 25.82
C SER C 146 -16.30 8.51 26.26
N ARG C 147 -16.62 7.34 26.81
CA ARG C 147 -15.57 6.39 27.25
C ARG C 147 -14.77 5.90 26.03
N GLN C 148 -15.44 5.60 24.92
CA GLN C 148 -14.69 5.18 23.75
C GLN C 148 -13.79 6.31 23.23
N LEU C 149 -14.29 7.56 23.30
CA LEU C 149 -13.45 8.67 22.86
C LEU C 149 -12.25 8.86 23.78
N LEU C 150 -12.46 8.74 25.10
CA LEU C 150 -11.32 8.88 26.00
C LEU C 150 -10.34 7.74 25.84
N SER C 151 -10.84 6.52 25.59
CA SER C 151 -9.92 5.41 25.34
C SER C 151 -9.09 5.66 24.10
N TYR C 152 -9.73 6.07 23.01
CA TYR C 152 -8.99 6.31 21.77
C TYR C 152 -8.00 7.44 21.94
N ALA C 153 -8.38 8.49 22.67
CA ALA C 153 -7.44 9.58 22.90
C ALA C 153 -6.28 9.14 23.77
N LEU C 154 -6.53 8.25 24.73
CA LEU C 154 -5.47 7.84 25.63
C LEU C 154 -4.47 6.90 24.94
N ILE C 155 -4.90 6.17 23.91
CA ILE C 155 -4.00 5.27 23.19
C ILE C 155 -3.48 5.90 21.90
N HIS C 156 -3.88 7.11 21.58
CA HIS C 156 -3.46 7.72 20.32
C HIS C 156 -2.06 8.32 20.45
N PRO C 157 -1.09 7.93 19.61
CA PRO C 157 0.28 8.44 19.75
C PRO C 157 0.37 9.96 19.62
N ALA C 158 -0.62 10.61 19.04
CA ALA C 158 -0.57 12.06 18.93
C ALA C 158 -0.69 12.77 20.28
N THR C 159 -1.33 12.15 21.28
CA THR C 159 -1.58 12.87 22.52
C THR C 159 -0.33 12.90 23.38
N SER C 160 -0.08 14.05 24.01
CA SER C 160 1.08 14.23 24.86
C SER C 160 0.80 13.72 26.28
N LEU C 161 1.87 13.66 27.08
CA LEU C 161 1.71 13.30 28.48
C LEU C 161 0.75 14.23 29.19
N GLU C 162 0.85 15.53 28.90
CA GLU C 162 -0.07 16.50 29.49
C GLU C 162 -1.49 16.31 28.99
N ASP C 163 -1.67 16.05 27.69
CA ASP C 163 -2.99 15.66 27.20
C ASP C 163 -3.49 14.44 27.96
N ARG C 164 -2.64 13.44 28.14
CA ARG C 164 -3.12 12.19 28.71
C ARG C 164 -3.44 12.35 30.20
N SER C 165 -2.75 13.24 30.89
CA SER C 165 -3.12 13.58 32.27
C SER C 165 -4.53 14.15 32.33
N ALA C 166 -4.79 15.17 31.49
CA ALA C 166 -6.13 15.73 31.41
C ALA C 166 -7.15 14.67 31.05
N LEU C 167 -6.85 13.86 30.05
CA LEU C 167 -7.78 12.80 29.64
C LEU C 167 -8.08 11.86 30.79
N ALA C 168 -7.06 11.54 31.60
CA ALA C 168 -7.29 10.63 32.71
C ALA C 168 -8.20 11.24 33.77
N MET C 169 -8.01 12.54 34.07
CA MET C 169 -8.87 13.19 35.04
C MET C 169 -10.31 13.22 34.56
N TRP C 170 -10.51 13.41 33.26
CA TRP C 170 -11.88 13.39 32.73
C TRP C 170 -12.49 12.01 32.84
N LEU C 171 -11.66 10.97 32.83
CA LEU C 171 -12.21 9.60 33.03
C LEU C 171 -12.60 9.44 34.50
N ASN C 172 -11.73 9.89 35.41
CA ASN C 172 -12.03 9.80 36.86
C ASN C 172 -13.38 10.47 37.12
N HIS C 173 -13.58 11.67 36.60
CA HIS C 173 -14.86 12.40 36.79
C HIS C 173 -16.02 11.61 36.20
N LEU C 174 -15.81 10.97 35.04
CA LEU C 174 -16.91 10.26 34.37
C LEU C 174 -17.42 9.14 35.29
#